data_4IBJ
#
_entry.id   4IBJ
#
_cell.length_a   51.257
_cell.length_b   66.346
_cell.length_c   72.659
_cell.angle_alpha   90.00
_cell.angle_beta   90.00
_cell.angle_gamma   90.00
#
_symmetry.space_group_name_H-M   'P 21 21 21'
#
loop_
_entity.id
_entity.type
_entity.pdbx_description
1 polymer 'Polymerase cofactor VP35'
2 non-polymer '3-{(5S)-3-hydroxy-2-oxo-4-[3-(trifluoromethyl)benzoyl]-5-[3-(trifluoromethyl)phenyl]-2,5-dihydro-1H-pyrrol-1-yl}benzoic acid'
3 water water
#
_entity_poly.entity_id   1
_entity_poly.type   'polypeptide(L)'
_entity_poly.pdbx_seq_one_letter_code
;GHMGKPDISAKDLRNIMYDHLPGFGTAFHQLVQVICKLGKDSNSLDIIHAEFQASLAEGDSPQCALIQITKRVPIFQDAA
PPVIHIRSRGDIPRACQKSLRPVPPSPKIDRGWVCVFQLQDGKTLGLKI
;
_entity_poly.pdbx_strand_id   A,B
#
loop_
_chem_comp.id
_chem_comp.type
_chem_comp.name
_chem_comp.formula
1D9 non-polymer '3-{(5S)-3-hydroxy-2-oxo-4-[3-(trifluoromethyl)benzoyl]-5-[3-(trifluoromethyl)phenyl]-2,5-dihydro-1H-pyrrol-1-yl}benzoic acid' 'C26 H15 F6 N O5'
#
# COMPACT_ATOMS: atom_id res chain seq x y z
N PRO A 6 -27.79 6.71 17.51
CA PRO A 6 -26.33 6.86 17.50
C PRO A 6 -25.74 6.71 16.10
N ASP A 7 -24.56 7.30 15.90
CA ASP A 7 -23.95 7.37 14.58
C ASP A 7 -23.80 5.99 13.95
N ILE A 8 -24.01 5.92 12.64
CA ILE A 8 -23.76 4.70 11.85
C ILE A 8 -22.32 4.27 12.02
N SER A 9 -22.10 2.99 12.28
CA SER A 9 -20.75 2.45 12.40
C SER A 9 -20.31 1.82 11.09
N ALA A 10 -19.02 1.49 10.98
CA ALA A 10 -18.54 0.89 9.75
C ALA A 10 -19.20 -0.47 9.52
N LYS A 11 -19.37 -1.23 10.60
CA LYS A 11 -20.00 -2.54 10.49
C LYS A 11 -21.47 -2.40 10.10
N ASP A 12 -22.17 -1.44 10.67
CA ASP A 12 -23.57 -1.23 10.32
C ASP A 12 -23.72 -0.84 8.84
N LEU A 13 -22.87 0.06 8.36
CA LEU A 13 -22.93 0.45 6.95
C LEU A 13 -22.59 -0.71 6.04
N ARG A 14 -21.59 -1.49 6.41
CA ARG A 14 -21.24 -2.65 5.60
CA ARG A 14 -21.23 -2.66 5.64
C ARG A 14 -22.44 -3.57 5.46
N ASN A 15 -23.13 -3.83 6.58
CA ASN A 15 -24.31 -4.71 6.57
C ASN A 15 -25.45 -4.13 5.75
N ILE A 16 -25.69 -2.82 5.87
CA ILE A 16 -26.69 -2.18 5.03
C ILE A 16 -26.41 -2.36 3.53
N MET A 17 -25.16 -2.17 3.13
CA MET A 17 -24.76 -2.30 1.74
C MET A 17 -24.81 -3.75 1.27
N TYR A 18 -24.33 -4.66 2.11
CA TYR A 18 -24.38 -6.09 1.83
C TYR A 18 -25.81 -6.53 1.55
N ASP A 19 -26.76 -5.98 2.31
CA ASP A 19 -28.19 -6.31 2.18
C ASP A 19 -28.71 -6.09 0.76
N HIS A 20 -28.05 -5.22 0.02
CA HIS A 20 -28.50 -4.87 -1.34
C HIS A 20 -27.77 -5.63 -2.45
N LEU A 21 -26.73 -6.36 -2.09
CA LEU A 21 -25.92 -7.03 -3.10
C LEU A 21 -26.30 -8.48 -3.28
N PRO A 22 -26.27 -8.95 -4.54
CA PRO A 22 -26.46 -10.38 -4.78
C PRO A 22 -25.17 -11.15 -4.60
N GLY A 23 -25.28 -12.46 -4.40
CA GLY A 23 -24.10 -13.29 -4.24
C GLY A 23 -23.38 -13.07 -2.93
N PHE A 24 -22.14 -13.53 -2.88
CA PHE A 24 -21.40 -13.61 -1.63
C PHE A 24 -19.91 -13.54 -1.92
N GLY A 25 -19.20 -12.63 -1.26
CA GLY A 25 -17.76 -12.51 -1.45
C GLY A 25 -17.40 -12.05 -2.86
N THR A 26 -18.26 -11.24 -3.45
CA THR A 26 -18.03 -10.72 -4.81
C THR A 26 -17.11 -9.51 -4.74
N ALA A 27 -16.66 -9.04 -5.91
CA ALA A 27 -15.82 -7.85 -5.91
C ALA A 27 -16.56 -6.64 -5.30
N PHE A 28 -17.87 -6.56 -5.50
CA PHE A 28 -18.65 -5.49 -4.88
C PHE A 28 -18.71 -5.59 -3.36
N HIS A 29 -18.75 -6.79 -2.81
CA HIS A 29 -18.64 -6.94 -1.36
C HIS A 29 -17.31 -6.41 -0.84
N GLN A 30 -16.22 -6.68 -1.57
CA GLN A 30 -14.92 -6.18 -1.16
C GLN A 30 -14.87 -4.66 -1.32
N LEU A 31 -15.54 -4.13 -2.34
CA LEU A 31 -15.61 -2.67 -2.48
C LEU A 31 -16.33 -2.04 -1.29
N VAL A 32 -17.39 -2.70 -0.80
CA VAL A 32 -18.06 -2.25 0.42
C VAL A 32 -17.07 -2.18 1.59
N GLN A 33 -16.29 -3.23 1.75
CA GLN A 33 -15.28 -3.26 2.80
C GLN A 33 -14.34 -2.07 2.72
N VAL A 34 -13.87 -1.79 1.50
CA VAL A 34 -12.92 -0.70 1.27
C VAL A 34 -13.55 0.66 1.55
N ILE A 35 -14.75 0.86 1.01
CA ILE A 35 -15.49 2.10 1.24
C ILE A 35 -15.74 2.34 2.73
N CYS A 36 -16.08 1.28 3.45
CA CYS A 36 -16.38 1.41 4.87
C CYS A 36 -15.13 1.66 5.71
N LYS A 37 -14.02 0.99 5.38
CA LYS A 37 -12.78 1.17 6.12
C LYS A 37 -12.23 2.58 5.88
N LEU A 38 -12.11 2.97 4.62
CA LEU A 38 -11.61 4.31 4.31
CA LEU A 38 -11.62 4.30 4.29
C LEU A 38 -12.56 5.39 4.82
N GLY A 39 -13.87 5.13 4.73
CA GLY A 39 -14.86 6.05 5.24
C GLY A 39 -14.74 6.19 6.75
N LYS A 40 -14.55 5.08 7.46
CA LYS A 40 -14.36 5.14 8.91
C LYS A 40 -13.16 6.01 9.27
N ASP A 41 -12.05 5.77 8.57
CA ASP A 41 -10.79 6.43 8.89
C ASP A 41 -10.79 7.91 8.53
N SER A 42 -11.73 8.33 7.70
CA SER A 42 -11.87 9.75 7.40
C SER A 42 -13.20 10.30 7.90
N ASN A 43 -13.77 9.64 8.91
CA ASN A 43 -14.99 10.11 9.55
C ASN A 43 -16.06 10.51 8.56
N SER A 44 -16.19 9.74 7.49
CA SER A 44 -17.08 10.09 6.39
C SER A 44 -18.21 9.08 6.17
N LEU A 45 -18.47 8.24 7.17
CA LEU A 45 -19.49 7.22 6.98
C LEU A 45 -20.88 7.81 6.72
N ASP A 46 -21.19 8.96 7.33
CA ASP A 46 -22.51 9.54 7.17
C ASP A 46 -22.76 9.98 5.72
N ILE A 47 -21.79 10.68 5.11
CA ILE A 47 -22.02 11.14 3.74
C ILE A 47 -21.99 9.95 2.80
N ILE A 48 -21.17 8.94 3.09
CA ILE A 48 -21.16 7.76 2.23
C ILE A 48 -22.52 7.08 2.27
N HIS A 49 -23.10 6.96 3.44
CA HIS A 49 -24.40 6.33 3.57
C HIS A 49 -25.47 7.15 2.84
N ALA A 50 -25.40 8.48 2.99
CA ALA A 50 -26.35 9.36 2.32
C ALA A 50 -26.27 9.29 0.81
N GLU A 51 -25.05 9.25 0.27
CA GLU A 51 -24.89 9.11 -1.18
C GLU A 51 -25.42 7.76 -1.66
N PHE A 52 -25.14 6.70 -0.91
CA PHE A 52 -25.64 5.37 -1.24
C PHE A 52 -27.16 5.35 -1.31
N GLN A 53 -27.81 5.87 -0.27
CA GLN A 53 -29.27 5.86 -0.22
C GLN A 53 -29.85 6.74 -1.30
N ALA A 54 -29.22 7.87 -1.56
CA ALA A 54 -29.74 8.80 -2.57
C ALA A 54 -29.66 8.17 -3.96
N SER A 55 -28.59 7.44 -4.26
CA SER A 55 -28.47 6.83 -5.58
CA SER A 55 -28.47 6.83 -5.57
C SER A 55 -29.55 5.76 -5.73
N LEU A 56 -29.79 4.99 -4.67
CA LEU A 56 -30.84 3.97 -4.72
C LEU A 56 -32.21 4.61 -4.94
N ALA A 57 -32.44 5.74 -4.25
CA ALA A 57 -33.70 6.47 -4.33
C ALA A 57 -33.95 7.01 -5.73
N GLU A 58 -32.88 7.23 -6.50
CA GLU A 58 -33.03 7.74 -7.86
C GLU A 58 -33.24 6.63 -8.87
N GLY A 59 -33.09 5.38 -8.41
CA GLY A 59 -33.36 4.24 -9.25
C GLY A 59 -32.13 3.48 -9.70
N ASP A 60 -30.94 3.91 -9.26
CA ASP A 60 -29.72 3.21 -9.63
C ASP A 60 -29.62 1.85 -8.94
N SER A 61 -28.95 0.91 -9.59
CA SER A 61 -28.64 -0.36 -8.95
C SER A 61 -27.68 -0.12 -7.81
N PRO A 62 -27.63 -1.06 -6.85
CA PRO A 62 -26.70 -0.85 -5.74
C PRO A 62 -25.24 -0.89 -6.19
N GLN A 63 -24.95 -1.67 -7.24
CA GLN A 63 -23.61 -1.70 -7.82
C GLN A 63 -23.26 -0.31 -8.33
N CYS A 64 -24.13 0.31 -9.11
CA CYS A 64 -23.90 1.65 -9.62
CA CYS A 64 -23.83 1.65 -9.60
C CYS A 64 -23.75 2.67 -8.47
N ALA A 65 -24.57 2.51 -7.43
CA ALA A 65 -24.49 3.41 -6.27
C ALA A 65 -23.10 3.34 -5.63
N LEU A 66 -22.55 2.13 -5.51
CA LEU A 66 -21.24 1.97 -4.91
C LEU A 66 -20.14 2.62 -5.76
N ILE A 67 -20.20 2.40 -7.06
CA ILE A 67 -19.26 3.06 -7.97
C ILE A 67 -19.41 4.57 -7.91
N GLN A 68 -20.65 5.06 -7.87
CA GLN A 68 -20.86 6.50 -7.77
C GLN A 68 -20.23 7.07 -6.49
N ILE A 69 -20.26 6.32 -5.40
CA ILE A 69 -19.59 6.76 -4.18
C ILE A 69 -18.13 7.03 -4.46
N THR A 70 -17.47 6.14 -5.20
CA THR A 70 -16.04 6.30 -5.44
C THR A 70 -15.75 7.51 -6.32
N LYS A 71 -16.76 8.02 -7.03
CA LYS A 71 -16.58 9.17 -7.90
C LYS A 71 -17.09 10.48 -7.30
N ARG A 72 -17.94 10.38 -6.29
CA ARG A 72 -18.66 11.56 -5.78
C ARG A 72 -18.34 11.94 -4.34
N VAL A 73 -17.79 11.00 -3.58
CA VAL A 73 -17.31 11.30 -2.24
C VAL A 73 -15.82 11.62 -2.33
N PRO A 74 -15.44 12.86 -1.97
CA PRO A 74 -14.10 13.39 -2.23
C PRO A 74 -12.94 12.58 -1.65
N ILE A 75 -13.13 11.82 -0.58
CA ILE A 75 -12.03 11.00 -0.07
C ILE A 75 -11.56 9.94 -1.07
N PHE A 76 -12.40 9.57 -2.03
CA PHE A 76 -12.04 8.54 -3.01
C PHE A 76 -11.49 9.11 -4.32
N GLN A 77 -11.70 10.40 -4.54
CA GLN A 77 -11.27 11.02 -5.78
C GLN A 77 -9.75 11.00 -5.91
N ASP A 78 -9.27 10.29 -6.93
CA ASP A 78 -7.83 10.15 -7.17
C ASP A 78 -7.08 9.44 -6.04
N ALA A 79 -7.79 8.64 -5.25
CA ALA A 79 -7.16 7.86 -4.18
C ALA A 79 -6.66 6.53 -4.74
N ALA A 80 -5.50 6.09 -4.26
CA ALA A 80 -4.96 4.78 -4.60
C ALA A 80 -5.70 3.73 -3.78
N PRO A 81 -5.84 2.53 -4.33
CA PRO A 81 -6.47 1.47 -3.55
C PRO A 81 -5.62 1.11 -2.33
N PRO A 82 -6.29 0.78 -1.22
CA PRO A 82 -5.57 0.34 -0.02
C PRO A 82 -4.89 -1.01 -0.26
N VAL A 83 -3.81 -1.24 0.46
CA VAL A 83 -3.11 -2.52 0.36
C VAL A 83 -3.56 -3.41 1.50
N ILE A 84 -3.92 -4.64 1.18
CA ILE A 84 -4.37 -5.61 2.19
C ILE A 84 -3.42 -6.80 2.19
N HIS A 85 -2.78 -7.08 3.33
CA HIS A 85 -1.80 -8.16 3.39
C HIS A 85 -2.48 -9.49 3.67
N ILE A 86 -2.26 -10.46 2.78
CA ILE A 86 -2.80 -11.81 2.94
C ILE A 86 -1.72 -12.86 2.71
N ARG A 87 -2.00 -14.11 3.05
CA ARG A 87 -0.99 -15.15 2.93
C ARG A 87 -0.85 -15.59 1.48
N SER A 88 -1.97 -15.99 0.90
CA SER A 88 -1.96 -16.55 -0.45
C SER A 88 -3.25 -16.24 -1.16
N ARG A 89 -3.27 -16.53 -2.46
CA ARG A 89 -4.43 -16.22 -3.28
C ARG A 89 -5.68 -16.89 -2.72
N GLY A 90 -5.50 -18.01 -2.03
CA GLY A 90 -6.64 -18.76 -1.50
C GLY A 90 -7.44 -18.03 -0.43
N ASP A 91 -6.83 -17.01 0.17
CA ASP A 91 -7.50 -16.24 1.22
C ASP A 91 -8.57 -15.31 0.64
N ILE A 92 -8.45 -15.03 -0.66
CA ILE A 92 -9.39 -14.16 -1.37
C ILE A 92 -10.64 -14.96 -1.74
N PRO A 93 -11.83 -14.37 -1.51
CA PRO A 93 -13.07 -15.12 -1.73
C PRO A 93 -13.20 -15.65 -3.16
N ARG A 94 -13.82 -16.82 -3.30
CA ARG A 94 -14.02 -17.48 -4.60
C ARG A 94 -14.57 -16.52 -5.66
N ALA A 95 -15.61 -15.77 -5.28
CA ALA A 95 -16.30 -14.91 -6.24
C ALA A 95 -15.46 -13.74 -6.73
N CYS A 96 -14.35 -13.46 -6.05
CA CYS A 96 -13.45 -12.39 -6.45
C CYS A 96 -12.33 -12.87 -7.36
N GLN A 97 -12.11 -14.18 -7.45
CA GLN A 97 -10.90 -14.71 -8.09
C GLN A 97 -10.71 -14.22 -9.52
N LYS A 98 -11.78 -14.22 -10.32
CA LYS A 98 -11.65 -13.85 -11.71
C LYS A 98 -11.50 -12.35 -11.92
N SER A 99 -11.65 -11.59 -10.84
CA SER A 99 -11.48 -10.14 -10.89
C SER A 99 -10.09 -9.68 -10.49
N LEU A 100 -9.23 -10.62 -10.15
CA LEU A 100 -7.87 -10.31 -9.74
C LEU A 100 -6.96 -10.12 -10.95
N ARG A 101 -6.17 -9.05 -10.95
CA ARG A 101 -5.35 -8.66 -12.10
C ARG A 101 -3.97 -8.25 -11.68
N PRO A 102 -3.01 -8.26 -12.62
CA PRO A 102 -1.71 -7.64 -12.35
C PRO A 102 -1.95 -6.19 -11.97
N VAL A 103 -1.14 -5.64 -11.07
CA VAL A 103 -1.35 -4.26 -10.63
C VAL A 103 -0.74 -3.29 -11.65
N PRO A 104 -1.54 -2.35 -12.16
CA PRO A 104 -1.01 -1.39 -13.13
C PRO A 104 -0.22 -0.28 -12.45
N PRO A 105 0.39 0.60 -13.23
CA PRO A 105 0.99 1.81 -12.65
C PRO A 105 -0.12 2.76 -12.22
N SER A 106 0.04 3.40 -11.07
CA SER A 106 -0.96 4.36 -10.60
C SER A 106 -2.42 3.87 -10.63
N PRO A 107 -2.71 2.72 -9.99
CA PRO A 107 -4.11 2.31 -9.86
C PRO A 107 -4.92 3.29 -9.01
N LYS A 108 -6.19 3.47 -9.35
CA LYS A 108 -7.05 4.41 -8.66
C LYS A 108 -8.39 3.75 -8.33
N ILE A 109 -8.88 3.98 -7.12
CA ILE A 109 -10.18 3.43 -6.71
C ILE A 109 -11.28 3.91 -7.65
N ASP A 110 -11.23 5.18 -8.04
CA ASP A 110 -12.29 5.73 -8.89
C ASP A 110 -12.17 5.32 -10.35
N ARG A 111 -11.21 4.44 -10.63
CA ARG A 111 -11.07 3.84 -11.95
C ARG A 111 -11.32 2.33 -11.86
N GLY A 112 -11.77 1.88 -10.69
CA GLY A 112 -12.23 0.52 -10.52
C GLY A 112 -11.30 -0.40 -9.76
N TRP A 113 -10.15 0.12 -9.33
CA TRP A 113 -9.21 -0.69 -8.57
C TRP A 113 -9.58 -0.63 -7.11
N VAL A 114 -10.23 -1.70 -6.65
CA VAL A 114 -10.83 -1.75 -5.32
C VAL A 114 -9.78 -1.84 -4.22
N CYS A 115 -8.84 -2.75 -4.39
CA CYS A 115 -7.78 -2.89 -3.42
C CYS A 115 -6.64 -3.64 -4.06
N VAL A 116 -5.50 -3.63 -3.39
CA VAL A 116 -4.33 -4.38 -3.85
C VAL A 116 -4.04 -5.39 -2.77
N PHE A 117 -3.99 -6.66 -3.14
CA PHE A 117 -3.65 -7.70 -2.18
C PHE A 117 -2.15 -7.94 -2.23
N GLN A 118 -1.49 -7.84 -1.09
CA GLN A 118 -0.07 -8.15 -1.01
C GLN A 118 0.08 -9.54 -0.42
N LEU A 119 0.51 -10.49 -1.23
CA LEU A 119 0.69 -11.86 -0.76
C LEU A 119 2.01 -12.04 -0.02
N GLN A 120 2.06 -13.02 0.86
CA GLN A 120 3.20 -13.20 1.75
C GLN A 120 4.52 -13.50 1.01
N ASP A 121 4.41 -14.09 -0.17
CA ASP A 121 5.62 -14.45 -0.92
C ASP A 121 6.08 -13.34 -1.85
N GLY A 122 5.41 -12.19 -1.78
CA GLY A 122 5.83 -11.04 -2.55
C GLY A 122 4.94 -10.71 -3.74
N LYS A 123 4.12 -11.67 -4.15
CA LYS A 123 3.16 -11.44 -5.23
C LYS A 123 2.18 -10.32 -4.88
N THR A 124 1.67 -9.63 -5.89
CA THR A 124 0.68 -8.57 -5.67
C THR A 124 -0.40 -8.66 -6.72
N LEU A 125 -1.66 -8.52 -6.31
CA LEU A 125 -2.78 -8.61 -7.23
C LEU A 125 -3.76 -7.50 -6.96
N GLY A 126 -4.22 -6.84 -8.00
CA GLY A 126 -5.25 -5.82 -7.86
C GLY A 126 -6.63 -6.42 -8.09
N LEU A 127 -7.61 -5.91 -7.35
CA LEU A 127 -8.97 -6.35 -7.54
C LEU A 127 -9.69 -5.29 -8.38
N LYS A 128 -10.13 -5.69 -9.57
CA LYS A 128 -10.69 -4.75 -10.55
C LYS A 128 -12.19 -4.94 -10.71
N ILE A 129 -12.90 -3.82 -10.74
CA ILE A 129 -14.28 -3.76 -11.23
C ILE A 129 -14.32 -2.88 -12.48
N PRO B 6 25.40 -20.15 -5.35
CA PRO B 6 24.99 -19.38 -4.18
C PRO B 6 24.91 -17.90 -4.51
N ASP B 7 23.95 -17.51 -5.35
CA ASP B 7 23.75 -16.10 -5.66
C ASP B 7 23.52 -15.32 -4.38
N ILE B 8 23.88 -14.04 -4.38
CA ILE B 8 23.62 -13.13 -3.27
C ILE B 8 22.12 -13.14 -2.91
N SER B 9 21.82 -13.39 -1.64
CA SER B 9 20.43 -13.45 -1.17
C SER B 9 20.05 -12.12 -0.54
N ALA B 10 18.75 -11.92 -0.32
CA ALA B 10 18.29 -10.66 0.26
C ALA B 10 18.90 -10.43 1.63
N LYS B 11 18.97 -11.49 2.43
CA LYS B 11 19.56 -11.38 3.75
C LYS B 11 21.05 -11.09 3.68
N ASP B 12 21.75 -11.69 2.72
CA ASP B 12 23.17 -11.41 2.53
C ASP B 12 23.36 -9.94 2.21
N LEU B 13 22.58 -9.45 1.28
CA LEU B 13 22.70 -8.06 0.84
C LEU B 13 22.37 -7.09 1.99
N ARG B 14 21.31 -7.39 2.73
CA ARG B 14 20.95 -6.56 3.86
C ARG B 14 22.13 -6.47 4.84
N ASN B 15 22.75 -7.61 5.12
CA ASN B 15 23.86 -7.61 6.07
C ASN B 15 25.07 -6.83 5.55
N ILE B 16 25.37 -6.96 4.26
CA ILE B 16 26.44 -6.20 3.63
C ILE B 16 26.22 -4.70 3.75
N MET B 17 25.00 -4.26 3.47
CA MET B 17 24.66 -2.86 3.59
C MET B 17 24.67 -2.38 5.05
N TYR B 18 24.10 -3.19 5.96
CA TYR B 18 24.09 -2.85 7.38
C TYR B 18 25.50 -2.62 7.89
N ASP B 19 26.45 -3.41 7.39
CA ASP B 19 27.84 -3.31 7.84
C ASP B 19 28.48 -1.95 7.54
N HIS B 20 27.89 -1.20 6.63
CA HIS B 20 28.41 0.12 6.26
C HIS B 20 27.71 1.27 6.96
N LEU B 21 26.64 0.97 7.69
CA LEU B 21 25.84 2.00 8.30
C LEU B 21 26.14 2.19 9.78
N PRO B 22 26.19 3.44 10.24
CA PRO B 22 26.32 3.70 11.67
C PRO B 22 24.98 3.62 12.38
N GLY B 23 25.02 3.36 13.68
CA GLY B 23 23.80 3.31 14.47
C GLY B 23 23.01 2.07 14.16
N PHE B 24 21.75 2.05 14.60
CA PHE B 24 20.92 0.89 14.37
C PHE B 24 19.45 1.31 14.36
N GLY B 25 18.67 0.66 13.50
CA GLY B 25 17.27 0.98 13.36
C GLY B 25 17.02 2.37 12.85
N THR B 26 17.94 2.90 12.04
CA THR B 26 17.79 4.25 11.49
C THR B 26 16.97 4.21 10.22
N ALA B 27 16.59 5.38 9.70
CA ALA B 27 15.84 5.38 8.45
C ALA B 27 16.62 4.69 7.34
N PHE B 28 17.95 4.79 7.35
CA PHE B 28 18.74 4.11 6.32
C PHE B 28 18.74 2.59 6.46
N HIS B 29 18.67 2.08 7.69
CA HIS B 29 18.50 0.65 7.88
C HIS B 29 17.18 0.20 7.26
N GLN B 30 16.11 0.98 7.47
CA GLN B 30 14.82 0.62 6.88
C GLN B 30 14.85 0.72 5.36
N LEU B 31 15.61 1.68 4.84
CA LEU B 31 15.74 1.78 3.38
C LEU B 31 16.44 0.55 2.82
N VAL B 32 17.48 0.07 3.53
CA VAL B 32 18.09 -1.20 3.15
C VAL B 32 17.07 -2.33 3.09
N GLN B 33 16.20 -2.42 4.10
CA GLN B 33 15.16 -3.44 4.14
CA GLN B 33 15.20 -3.47 4.11
C GLN B 33 14.26 -3.38 2.91
N VAL B 34 13.84 -2.17 2.57
CA VAL B 34 12.95 -1.94 1.43
C VAL B 34 13.65 -2.28 0.12
N ILE B 35 14.89 -1.80 -0.04
CA ILE B 35 15.65 -2.07 -1.26
C ILE B 35 15.85 -3.57 -1.43
N CYS B 36 16.14 -4.27 -0.34
CA CYS B 36 16.39 -5.71 -0.43
C CYS B 36 15.10 -6.51 -0.69
N LYS B 37 14.00 -6.13 -0.06
CA LYS B 37 12.72 -6.83 -0.30
C LYS B 37 12.21 -6.61 -1.72
N LEU B 38 12.18 -5.37 -2.19
CA LEU B 38 11.77 -5.08 -3.56
CA LEU B 38 11.76 -5.10 -3.55
C LEU B 38 12.76 -5.69 -4.54
N GLY B 39 14.04 -5.59 -4.22
CA GLY B 39 15.07 -6.22 -5.05
C GLY B 39 14.84 -7.70 -5.21
N LYS B 40 14.57 -8.40 -4.11
CA LYS B 40 14.34 -9.83 -4.15
C LYS B 40 13.16 -10.15 -5.04
N ASP B 41 12.09 -9.39 -4.87
CA ASP B 41 10.86 -9.67 -5.56
C ASP B 41 10.92 -9.34 -7.04
N SER B 42 11.95 -8.62 -7.48
CA SER B 42 12.11 -8.32 -8.90
CA SER B 42 12.11 -8.32 -8.90
C SER B 42 13.46 -8.85 -9.38
N ASN B 43 13.97 -9.87 -8.67
CA ASN B 43 15.21 -10.56 -9.07
C ASN B 43 16.30 -9.59 -9.46
N SER B 44 16.42 -8.51 -8.71
CA SER B 44 17.36 -7.46 -9.06
C SER B 44 18.45 -7.26 -8.02
N LEU B 45 18.67 -8.25 -7.17
CA LEU B 45 19.65 -8.08 -6.10
C LEU B 45 21.07 -7.89 -6.62
N ASP B 46 21.40 -8.52 -7.74
CA ASP B 46 22.76 -8.42 -8.28
C ASP B 46 23.06 -6.99 -8.73
N ILE B 47 22.17 -6.37 -9.50
CA ILE B 47 22.44 -5.00 -9.97
C ILE B 47 22.44 -4.02 -8.80
N ILE B 48 21.57 -4.25 -7.82
CA ILE B 48 21.54 -3.42 -6.64
C ILE B 48 22.88 -3.49 -5.90
N HIS B 49 23.39 -4.70 -5.71
CA HIS B 49 24.66 -4.87 -5.02
C HIS B 49 25.77 -4.20 -5.83
N ALA B 50 25.71 -4.35 -7.15
CA ALA B 50 26.74 -3.76 -8.00
C ALA B 50 26.71 -2.23 -7.97
N GLU B 51 25.52 -1.63 -7.96
CA GLU B 51 25.42 -0.18 -7.88
C GLU B 51 25.92 0.32 -6.53
N PHE B 52 25.60 -0.43 -5.48
CA PHE B 52 26.05 -0.08 -4.13
C PHE B 52 27.56 -0.04 -4.08
N GLN B 53 28.19 -1.11 -4.54
CA GLN B 53 29.64 -1.20 -4.51
C GLN B 53 30.29 -0.14 -5.40
N ALA B 54 29.69 0.13 -6.55
CA ALA B 54 30.30 1.07 -7.49
C ALA B 54 30.25 2.49 -6.92
N SER B 55 29.18 2.82 -6.22
CA SER B 55 29.07 4.13 -5.59
CA SER B 55 29.07 4.12 -5.60
C SER B 55 30.11 4.26 -4.48
N LEU B 56 30.27 3.21 -3.69
CA LEU B 56 31.30 3.26 -2.63
C LEU B 56 32.70 3.43 -3.25
N ALA B 57 32.92 2.74 -4.36
CA ALA B 57 34.21 2.74 -5.03
C ALA B 57 34.55 4.12 -5.59
N GLU B 58 33.51 4.90 -5.86
CA GLU B 58 33.67 6.26 -6.37
C GLU B 58 33.91 7.26 -5.25
N GLY B 59 33.70 6.83 -4.01
CA GLY B 59 34.00 7.67 -2.87
C GLY B 59 32.76 8.19 -2.18
N ASP B 60 31.58 7.75 -2.61
CA ASP B 60 30.35 8.21 -2.01
C ASP B 60 30.17 7.58 -0.63
N SER B 61 29.48 8.28 0.26
CA SER B 61 29.09 7.68 1.52
C SER B 61 28.11 6.55 1.30
N PRO B 62 28.05 5.61 2.23
CA PRO B 62 27.10 4.51 2.05
C PRO B 62 25.65 5.03 2.00
N GLN B 63 25.35 6.13 2.69
CA GLN B 63 24.02 6.72 2.65
C GLN B 63 23.71 7.23 1.25
N CYS B 64 24.65 7.96 0.67
CA CYS B 64 24.54 8.43 -0.69
C CYS B 64 24.35 7.28 -1.67
N ALA B 65 25.13 6.21 -1.48
CA ALA B 65 25.04 5.02 -2.33
C ALA B 65 23.64 4.42 -2.30
N LEU B 66 23.03 4.39 -1.13
CA LEU B 66 21.67 3.87 -1.00
C LEU B 66 20.66 4.73 -1.73
N ILE B 67 20.77 6.05 -1.56
CA ILE B 67 19.89 6.98 -2.25
C ILE B 67 20.10 6.88 -3.76
N GLN B 68 21.36 6.76 -4.17
CA GLN B 68 21.66 6.61 -5.60
C GLN B 68 21.00 5.36 -6.20
N ILE B 69 20.90 4.29 -5.42
CA ILE B 69 20.23 3.08 -5.89
C ILE B 69 18.78 3.38 -6.20
N THR B 70 18.11 4.16 -5.34
CA THR B 70 16.71 4.48 -5.58
C THR B 70 16.52 5.32 -6.85
N LYS B 71 17.60 5.93 -7.31
CA LYS B 71 17.56 6.78 -8.48
C LYS B 71 18.08 6.12 -9.76
N ARG B 72 18.93 5.10 -9.60
CA ARG B 72 19.63 4.52 -10.75
C ARG B 72 19.18 3.10 -11.12
N VAL B 73 18.55 2.41 -10.18
CA VAL B 73 18.01 1.08 -10.45
C VAL B 73 16.55 1.22 -10.85
N PRO B 74 16.21 0.82 -12.08
CA PRO B 74 14.90 0.98 -12.73
C PRO B 74 13.68 0.57 -11.91
N ILE B 75 13.78 -0.46 -11.07
CA ILE B 75 12.63 -0.85 -10.27
C ILE B 75 12.19 0.21 -9.24
N PHE B 76 13.08 1.13 -8.88
CA PHE B 76 12.75 2.17 -7.89
C PHE B 76 12.34 3.49 -8.54
N GLN B 77 12.62 3.63 -9.83
CA GLN B 77 12.34 4.88 -10.52
C GLN B 77 10.83 5.15 -10.61
N ASP B 78 10.39 6.20 -9.93
CA ASP B 78 8.99 6.60 -9.92
C ASP B 78 8.06 5.56 -9.26
N ALA B 79 8.63 4.70 -8.43
CA ALA B 79 7.87 3.69 -7.68
C ALA B 79 7.31 4.29 -6.40
N ALA B 80 6.12 3.85 -6.02
CA ALA B 80 5.55 4.24 -4.74
C ALA B 80 6.19 3.40 -3.65
N PRO B 81 6.27 3.94 -2.43
CA PRO B 81 6.83 3.14 -1.34
C PRO B 81 5.94 1.97 -0.96
N PRO B 82 6.54 0.86 -0.52
CA PRO B 82 5.70 -0.25 -0.11
C PRO B 82 5.00 0.07 1.19
N VAL B 83 3.88 -0.61 1.40
CA VAL B 83 3.08 -0.42 2.59
C VAL B 83 3.41 -1.55 3.55
N ILE B 84 3.72 -1.19 4.79
CA ILE B 84 4.05 -2.18 5.82
C ILE B 84 3.04 -2.07 6.96
N HIS B 85 2.34 -3.17 7.23
CA HIS B 85 1.34 -3.15 8.29
CA HIS B 85 1.34 -3.16 8.30
C HIS B 85 1.96 -3.43 9.66
N ILE B 86 1.69 -2.54 10.61
CA ILE B 86 2.17 -2.67 11.97
C ILE B 86 1.05 -2.32 12.92
N ARG B 87 1.22 -2.61 14.20
CA ARG B 87 0.13 -2.37 15.15
C ARG B 87 0.04 -0.89 15.54
N SER B 88 1.16 -0.34 15.98
CA SER B 88 1.21 1.06 16.42
C SER B 88 2.59 1.65 16.20
N ARG B 89 2.73 2.92 16.53
CA ARG B 89 3.98 3.63 16.34
C ARG B 89 5.11 2.96 17.12
N GLY B 90 4.75 2.26 18.18
CA GLY B 90 5.72 1.58 19.04
C GLY B 90 6.49 0.45 18.38
N ASP B 91 5.98 -0.05 17.25
CA ASP B 91 6.67 -1.10 16.49
C ASP B 91 7.81 -0.56 15.62
N ILE B 92 7.84 0.75 15.43
CA ILE B 92 8.87 1.38 14.62
C ILE B 92 10.10 1.67 15.49
N PRO B 93 11.31 1.39 14.96
CA PRO B 93 12.52 1.56 15.78
C PRO B 93 12.69 2.99 16.26
N ARG B 94 13.26 3.16 17.46
CA ARG B 94 13.45 4.47 18.06
C ARG B 94 14.09 5.48 17.09
N ALA B 95 15.13 5.04 16.39
CA ALA B 95 15.94 5.94 15.56
C ALA B 95 15.21 6.40 14.30
N CYS B 96 14.09 5.76 14.01
CA CYS B 96 13.24 6.15 12.89
C CYS B 96 12.13 7.12 13.28
N GLN B 97 11.83 7.24 14.56
CA GLN B 97 10.63 7.98 14.99
C GLN B 97 10.54 9.40 14.46
N LYS B 98 11.66 10.13 14.50
CA LYS B 98 11.63 11.53 14.09
C LYS B 98 11.61 11.70 12.58
N SER B 99 11.72 10.59 11.85
CA SER B 99 11.62 10.63 10.39
C SER B 99 10.23 10.26 9.88
N LEU B 100 9.29 10.03 10.80
CA LEU B 100 7.93 9.67 10.43
C LEU B 100 7.11 10.94 10.16
N ARG B 101 6.37 10.93 9.05
CA ARG B 101 5.67 12.12 8.57
C ARG B 101 4.30 11.74 8.06
N PRO B 102 3.38 12.71 8.01
CA PRO B 102 2.10 12.45 7.33
C PRO B 102 2.39 12.04 5.89
N VAL B 103 1.59 11.12 5.34
CA VAL B 103 1.82 10.67 3.98
C VAL B 103 1.33 11.71 2.98
N PRO B 104 2.19 12.11 2.04
CA PRO B 104 1.78 13.09 1.03
C PRO B 104 1.01 12.43 -0.11
N PRO B 105 0.43 13.24 -1.02
CA PRO B 105 -0.06 12.67 -2.27
C PRO B 105 1.10 12.15 -3.11
N SER B 106 0.92 10.98 -3.72
CA SER B 106 1.92 10.44 -4.62
C SER B 106 3.32 10.38 -4.01
N PRO B 107 3.47 9.72 -2.86
CA PRO B 107 4.82 9.53 -2.33
C PRO B 107 5.63 8.65 -3.28
N LYS B 108 6.93 8.91 -3.39
CA LYS B 108 7.80 8.15 -4.27
C LYS B 108 9.09 7.77 -3.54
N ILE B 109 9.52 6.53 -3.73
CA ILE B 109 10.76 6.07 -3.12
C ILE B 109 11.92 6.95 -3.58
N ASP B 110 11.97 7.27 -4.87
CA ASP B 110 13.09 8.08 -5.37
C ASP B 110 13.00 9.56 -4.97
N ARG B 111 12.01 9.90 -4.16
CA ARG B 111 11.93 11.24 -3.59
C ARG B 111 12.11 11.19 -2.08
N GLY B 112 12.48 10.02 -1.57
CA GLY B 112 12.86 9.90 -0.18
C GLY B 112 11.85 9.22 0.73
N TRP B 113 10.73 8.80 0.16
CA TRP B 113 9.71 8.11 0.93
C TRP B 113 10.00 6.62 0.92
N VAL B 114 10.59 6.16 2.02
CA VAL B 114 11.13 4.81 2.15
C VAL B 114 10.02 3.76 2.18
N CYS B 115 9.03 3.97 3.04
CA CYS B 115 7.92 3.06 3.14
C CYS B 115 6.78 3.80 3.79
N VAL B 116 5.61 3.19 3.75
CA VAL B 116 4.44 3.75 4.41
C VAL B 116 4.01 2.72 5.44
N PHE B 117 3.92 3.15 6.69
CA PHE B 117 3.46 2.25 7.74
C PHE B 117 1.97 2.42 7.90
N GLN B 118 1.23 1.32 7.78
CA GLN B 118 -0.19 1.31 8.05
C GLN B 118 -0.40 0.79 9.46
N LEU B 119 -0.77 1.67 10.38
CA LEU B 119 -1.05 1.24 11.76
C LEU B 119 -2.43 0.62 11.87
N GLN B 120 -2.62 -0.18 12.91
CA GLN B 120 -3.82 -1.01 13.00
C GLN B 120 -5.11 -0.22 13.26
N ASP B 121 -4.99 0.98 13.83
CA ASP B 121 -6.18 1.79 14.08
C ASP B 121 -6.53 2.70 12.91
N GLY B 122 -5.82 2.53 11.80
CA GLY B 122 -6.12 3.25 10.59
C GLY B 122 -5.16 4.38 10.28
N LYS B 123 -4.34 4.75 11.26
CA LYS B 123 -3.35 5.79 11.04
C LYS B 123 -2.33 5.38 9.97
N THR B 124 -1.74 6.36 9.27
CA THR B 124 -0.71 6.05 8.28
CA THR B 124 -0.74 6.09 8.24
C THR B 124 0.42 7.06 8.41
N LEU B 125 1.65 6.58 8.33
CA LEU B 125 2.82 7.43 8.46
C LEU B 125 3.85 7.03 7.43
N GLY B 126 4.43 8.02 6.75
CA GLY B 126 5.50 7.75 5.81
C GLY B 126 6.84 7.91 6.49
N LEU B 127 7.81 7.08 6.07
CA LEU B 127 9.17 7.23 6.57
C LEU B 127 9.96 8.02 5.54
N LYS B 128 10.41 9.22 5.95
CA LYS B 128 11.07 10.15 5.04
C LYS B 128 12.56 10.27 5.28
N ILE B 129 13.34 10.22 4.20
CA ILE B 129 14.75 10.62 4.22
C ILE B 129 14.90 11.84 3.30
FAI 1D9 C . -6.71 -4.12 7.06
FAI 1D9 C . -9.80 -2.35 2.16
CBL 1D9 C . -6.75 -3.16 6.14
CBL 1D9 C . -9.09 -1.78 3.12
FAJ 1D9 C . -5.80 -3.40 5.23
FAJ 1D9 C . -9.48 -0.52 3.28
FAK 1D9 C . -6.53 -2.00 6.71
FAK 1D9 C . -7.80 -1.82 2.79
CBH 1D9 C . -8.11 -3.14 5.52
CBH 1D9 C . -9.23 -2.53 4.39
CAW 1D9 C . -9.11 -3.95 6.03
CAW 1D9 C . -10.34 -3.33 4.61
CAT 1D9 C . -8.41 -2.29 4.45
CAT 1D9 C . -8.26 -2.41 5.37
CAN 1D9 C . -9.67 -2.27 3.90
CAN 1D9 C . -8.36 -3.09 6.56
CAQ 1D9 C . -10.67 -3.10 4.41
CAQ 1D9 C . -9.47 -3.90 6.78
CBE 1D9 C . -10.39 -3.93 5.49
CBE 1D9 C . -10.46 -4.01 5.82
CBI 1D9 C . -11.42 -4.85 6.06
CBI 1D9 C . -11.61 -4.92 6.10
NBJ 1D9 C . -11.96 -4.71 7.29
NBJ 1D9 C . -12.17 -4.81 7.32
CBF 1D9 C . -12.64 -3.58 7.87
CBF 1D9 C . -12.77 -3.63 7.91
CAU 1D9 C . -12.29 -3.17 9.15
CAU 1D9 C . -12.38 -3.22 9.18
CBC 1D9 C . -12.95 -2.10 9.75
CBC 1D9 C . -12.96 -2.11 9.76
CAX 1D9 C . -12.55 -1.67 11.12
CAX 1D9 C . -12.52 -1.67 11.13
OAD 1D9 C . -13.12 -0.70 11.69
OAD 1D9 C . -13.06 -0.67 11.67
OAA 1D9 C . -11.63 -2.28 11.72
OAA 1D9 C . -11.64 -2.32 11.75
CAO 1D9 C . -13.96 -1.43 9.06
CAO 1D9 C . -13.93 -1.39 9.08
CAL 1D9 C . -14.31 -1.84 7.79
CAL 1D9 C . -14.33 -1.80 7.82
CAR 1D9 C . -13.66 -2.93 7.19
CAR 1D9 C . -13.74 -2.92 7.23
CBA 1D9 C . -12.12 -5.93 7.83
CBA 1D9 C . -12.23 -6.02 7.88
OAC 1D9 C . -12.63 -6.19 9.08
OAC 1D9 C . -12.71 -6.30 9.14
CAZ 1D9 C . -11.70 -6.89 6.93
CAZ 1D9 C . -11.75 -6.95 6.98
OAE 1D9 C . -11.72 -8.25 7.11
OAE 1D9 C . -11.68 -8.31 7.17
CBB 1D9 C . -11.27 -6.22 5.78
CBB 1D9 C . -11.39 -6.27 5.81
CAY 1D9 C . -11.36 -6.81 4.41
CAY 1D9 C . -11.44 -6.89 4.45
OAB 1D9 C . -11.11 -5.86 3.46
OAB 1D9 C . -11.26 -5.95 3.47
CBD 1D9 C . -10.42 -7.95 4.20
CBD 1D9 C . -10.44 -7.99 4.23
CAV 1D9 C . -10.66 -8.82 3.14
CAV 1D9 C . -10.66 -8.86 3.17
CBG 1D9 C . -9.81 -9.89 2.89
CBG 1D9 C . -9.79 -9.90 2.89
CBK 1D9 C . -10.11 -10.80 1.75
CBK 1D9 C . -10.09 -10.81 1.74
FAG 1D9 C . -10.62 -10.08 0.75
FAG 1D9 C . -10.62 -10.11 0.76
FAH 1D9 C . -9.01 -11.43 1.34
FAH 1D9 C . -8.98 -11.41 1.31
FAF 1D9 C . -11.01 -11.70 2.14
FAF 1D9 C . -10.95 -11.73 2.14
CAS 1D9 C . -8.70 -10.09 3.70
CAS 1D9 C . -8.67 -10.08 3.69
CAM 1D9 C . -8.45 -9.22 4.76
CAM 1D9 C . -8.43 -9.22 4.76
CAP 1D9 C . -9.30 -8.16 5.01
CAP 1D9 C . -9.31 -8.17 5.02
FAI 1D9 D . 7.70 -3.25 2.48
CBL 1D9 D . 8.87 -3.81 2.21
FAJ 1D9 D . 9.83 -2.96 2.50
FAK 1D9 D . 8.92 -4.14 0.92
CBH 1D9 D . 9.00 -5.00 3.07
CAW 1D9 D . 10.10 -5.15 3.91
CAT 1D9 D . 7.99 -5.95 3.04
CAN 1D9 D . 8.07 -7.08 3.85
CAQ 1D9 D . 9.17 -7.23 4.68
CBE 1D9 D . 10.17 -6.28 4.71
CBI 1D9 D . 11.29 -6.51 5.66
NBJ 1D9 D . 11.86 -7.74 5.66
CBF 1D9 D . 12.50 -8.38 4.53
CAU 1D9 D . 12.14 -9.67 4.18
CBC 1D9 D . 12.77 -10.29 3.11
CAX 1D9 D . 12.39 -11.68 2.71
OAD 1D9 D . 11.49 -12.29 3.37
OAA 1D9 D . 12.98 -12.24 1.75
CAO 1D9 D . 13.75 -9.63 2.38
CAL 1D9 D . 14.10 -8.34 2.74
CAR 1D9 D . 13.48 -7.72 3.82
CBA 1D9 D . 11.88 -8.20 6.92
OAC 1D9 D . 12.35 -9.43 7.32
CAZ 1D9 D . 11.35 -7.23 7.76
OAE 1D9 D . 11.21 -7.32 9.12
CBB 1D9 D . 11.01 -6.12 6.98
CAY 1D9 D . 11.02 -4.72 7.51
OAB 1D9 D . 10.87 -3.81 6.48
CBD 1D9 D . 10.01 -4.44 8.58
CAV 1D9 D . 10.24 -3.34 9.39
CBG 1D9 D . 9.40 -2.98 10.43
CBK 1D9 D . 9.75 -1.77 11.23
FAG 1D9 D . 8.66 -1.23 11.79
FAH 1D9 D . 10.59 -2.10 12.20
FAF 1D9 D . 10.32 -0.86 10.45
CAS 1D9 D . 8.26 -3.75 10.65
CAM 1D9 D . 8.02 -4.87 9.85
CAP 1D9 D . 8.88 -5.22 8.82
#